data_8A4Y
#
_entry.id   8A4Y
#
_cell.length_a   36.688
_cell.length_b   36.688
_cell.length_c   140.928
_cell.angle_alpha   90.000
_cell.angle_beta   90.000
_cell.angle_gamma   90.000
#
_symmetry.space_group_name_H-M   'P 43 21 2'
#
loop_
_entity.id
_entity.type
_entity.pdbx_description
1 polymer 'Host translation inhibitor nsp1'
2 non-polymer N-(2,3-dihydro-1H-inden-5-yl)acetamide
3 water water
#
_entity_poly.entity_id   1
_entity_poly.type   'polypeptide(L)'
_entity_poly.pdbx_seq_one_letter_code
;MEKTHVQLSLPVLQVRDVLVRGFGDSVEEVLSEARQHLKDGTCGLVEVEKGVLPQLEQPYVFIKRSDARTAPHGHVMVEL
VAELEGIQYGRSGETLGVLVPHVGEIPVAYRKVLLRKN
;
_entity_poly.pdbx_strand_id   A
#
loop_
_chem_comp.id
_chem_comp.type
_chem_comp.name
_chem_comp.formula
QO6 non-polymer N-(2,3-dihydro-1H-inden-5-yl)acetamide 'C11 H13 N O'
#
# COMPACT_ATOMS: atom_id res chain seq x y z
N MET A 1 -13.08 -16.72 7.10
CA MET A 1 -13.16 -16.28 8.49
C MET A 1 -12.17 -15.17 8.80
N GLU A 2 -11.56 -14.61 7.76
CA GLU A 2 -10.79 -13.40 7.94
C GLU A 2 -11.73 -12.28 8.39
N LYS A 3 -11.28 -11.48 9.35
CA LYS A 3 -12.06 -10.31 9.74
C LYS A 3 -12.04 -9.29 8.61
N THR A 4 -12.97 -8.33 8.65
CA THR A 4 -13.07 -7.39 7.56
C THR A 4 -11.89 -6.45 7.53
N HIS A 5 -11.26 -6.20 8.68
CA HIS A 5 -10.13 -5.30 8.78
C HIS A 5 -9.05 -5.96 9.61
N VAL A 6 -7.79 -5.63 9.31
CA VAL A 6 -6.66 -6.16 10.04
C VAL A 6 -5.67 -5.04 10.30
N GLN A 7 -5.15 -5.02 11.52
CA GLN A 7 -4.13 -4.05 11.90
C GLN A 7 -2.79 -4.55 11.41
N LEU A 8 -2.10 -3.69 10.69
CA LEU A 8 -0.79 -4.01 10.17
C LEU A 8 0.15 -2.85 10.45
N SER A 9 1.43 -3.18 10.66
N SER A 9 1.44 -3.15 10.60
CA SER A 9 2.50 -2.21 10.74
CA SER A 9 2.45 -2.09 10.74
C SER A 9 3.37 -2.41 9.49
C SER A 9 3.48 -2.26 9.63
N LEU A 10 3.36 -1.42 8.61
CA LEU A 10 4.05 -1.55 7.33
C LEU A 10 5.37 -0.82 7.35
N PRO A 11 6.43 -1.44 6.87
CA PRO A 11 7.70 -0.74 6.73
C PRO A 11 7.63 0.29 5.62
N VAL A 12 8.02 1.52 5.93
CA VAL A 12 8.07 2.62 4.99
C VAL A 12 9.45 2.65 4.37
N LEU A 13 9.50 2.49 3.06
CA LEU A 13 10.73 2.39 2.31
C LEU A 13 10.99 3.64 1.49
N GLN A 14 12.25 3.98 1.33
CA GLN A 14 12.61 5.02 0.40
CA GLN A 14 12.68 5.01 0.39
C GLN A 14 12.65 4.43 -1.01
N VAL A 15 12.16 5.21 -1.97
CA VAL A 15 11.97 4.68 -3.30
C VAL A 15 13.24 4.12 -3.89
N ARG A 16 14.38 4.78 -3.69
CA ARG A 16 15.60 4.32 -4.32
C ARG A 16 16.15 3.04 -3.71
N ASP A 17 15.64 2.60 -2.57
CA ASP A 17 16.03 1.34 -1.96
C ASP A 17 15.20 0.17 -2.48
N VAL A 18 14.05 0.41 -3.09
CA VAL A 18 13.13 -0.68 -3.40
C VAL A 18 13.71 -1.56 -4.49
N LEU A 19 13.77 -2.85 -4.21
CA LEU A 19 14.33 -3.78 -5.18
C LEU A 19 13.32 -4.31 -6.15
N VAL A 20 12.09 -4.53 -5.74
CA VAL A 20 11.02 -5.06 -6.58
C VAL A 20 9.96 -3.97 -6.65
N ARG A 21 9.85 -3.30 -7.81
CA ARG A 21 9.23 -2.00 -7.87
C ARG A 21 7.75 -2.03 -8.18
N GLY A 22 7.12 -3.19 -8.10
CA GLY A 22 5.69 -3.33 -8.22
C GLY A 22 5.32 -4.78 -8.04
N PHE A 23 4.03 -5.04 -8.10
CA PHE A 23 3.49 -6.35 -7.81
C PHE A 23 3.11 -7.17 -9.03
N GLY A 24 3.29 -6.68 -10.24
CA GLY A 24 2.86 -7.47 -11.36
C GLY A 24 2.35 -6.57 -12.49
N ASP A 25 1.63 -7.21 -13.41
CA ASP A 25 1.51 -6.69 -14.77
C ASP A 25 0.11 -6.29 -15.17
N SER A 26 -0.86 -6.46 -14.30
CA SER A 26 -2.25 -6.09 -14.55
C SER A 26 -2.86 -5.62 -13.26
N VAL A 27 -3.93 -4.87 -13.36
CA VAL A 27 -4.64 -4.40 -12.16
C VAL A 27 -5.02 -5.54 -11.25
N GLU A 28 -5.62 -6.58 -11.82
CA GLU A 28 -6.07 -7.68 -10.98
C GLU A 28 -4.90 -8.38 -10.31
N GLU A 29 -3.80 -8.55 -11.02
CA GLU A 29 -2.65 -9.20 -10.44
C GLU A 29 -2.05 -8.36 -9.34
N VAL A 30 -1.90 -7.07 -9.54
CA VAL A 30 -1.23 -6.28 -8.49
C VAL A 30 -2.05 -6.25 -7.23
N LEU A 31 -3.37 -6.13 -7.36
CA LEU A 31 -4.21 -6.16 -6.17
C LEU A 31 -4.09 -7.49 -5.46
N SER A 32 -4.12 -8.58 -6.21
CA SER A 32 -4.00 -9.91 -5.63
C SER A 32 -2.67 -10.09 -4.90
N GLU A 33 -1.59 -9.74 -5.58
CA GLU A 33 -0.28 -9.90 -5.00
C GLU A 33 -0.07 -8.98 -3.82
N ALA A 34 -0.56 -7.75 -3.89
CA ALA A 34 -0.45 -6.86 -2.75
C ALA A 34 -1.14 -7.47 -1.54
N ARG A 35 -2.36 -7.99 -1.73
CA ARG A 35 -3.07 -8.63 -0.63
C ARG A 35 -2.29 -9.81 -0.06
N GLN A 36 -1.73 -10.64 -0.92
CA GLN A 36 -0.96 -11.77 -0.43
C GLN A 36 0.28 -11.33 0.35
N HIS A 37 1.00 -10.33 -0.16
CA HIS A 37 2.17 -9.83 0.58
C HIS A 37 1.79 -9.16 1.88
N LEU A 38 0.66 -8.47 1.90
CA LEU A 38 0.20 -7.91 3.16
C LEU A 38 -0.06 -9.02 4.17
N LYS A 39 -0.71 -10.10 3.75
CA LYS A 39 -0.98 -11.21 4.65
C LYS A 39 0.29 -11.87 5.15
N ASP A 40 1.32 -11.95 4.31
CA ASP A 40 2.58 -12.62 4.60
C ASP A 40 3.58 -11.73 5.35
N GLY A 41 3.26 -10.47 5.55
CA GLY A 41 4.20 -9.56 6.16
C GLY A 41 5.34 -9.18 5.28
N THR A 42 5.15 -9.20 3.98
CA THR A 42 6.21 -8.90 3.02
C THR A 42 5.81 -7.77 2.09
N CYS A 43 5.14 -6.76 2.65
CA CYS A 43 4.69 -5.60 1.90
C CYS A 43 5.23 -4.33 2.54
N GLY A 44 5.82 -3.47 1.73
CA GLY A 44 6.28 -2.18 2.17
C GLY A 44 5.42 -1.07 1.60
N LEU A 45 5.70 0.13 2.07
CA LEU A 45 4.96 1.34 1.69
CA LEU A 45 4.96 1.33 1.67
C LEU A 45 5.96 2.41 1.31
N VAL A 46 5.76 3.06 0.17
CA VAL A 46 6.56 4.19 -0.24
C VAL A 46 5.66 5.43 -0.21
N GLU A 47 6.07 6.44 0.52
CA GLU A 47 5.30 7.69 0.54
C GLU A 47 5.49 8.42 -0.78
N VAL A 48 4.40 8.94 -1.33
CA VAL A 48 4.42 9.56 -2.64
C VAL A 48 4.86 11.01 -2.51
N GLU A 49 5.94 11.35 -3.19
CA GLU A 49 6.43 12.70 -3.36
C GLU A 49 6.81 12.82 -4.83
N LYS A 50 7.10 14.04 -5.26
CA LYS A 50 7.59 14.24 -6.62
C LYS A 50 8.72 13.27 -6.92
N GLY A 51 8.65 12.64 -8.09
CA GLY A 51 9.69 11.74 -8.56
C GLY A 51 9.48 10.30 -8.17
N VAL A 52 8.54 10.00 -7.26
CA VAL A 52 8.43 8.65 -6.76
C VAL A 52 7.73 7.74 -7.76
N LEU A 53 6.54 8.11 -8.22
CA LEU A 53 5.82 7.19 -9.08
C LEU A 53 6.57 6.86 -10.36
N PRO A 54 7.28 7.80 -11.00
CA PRO A 54 8.03 7.44 -12.20
C PRO A 54 9.17 6.47 -11.94
N GLN A 55 9.59 6.30 -10.69
CA GLN A 55 10.61 5.35 -10.33
C GLN A 55 10.03 4.00 -9.91
N LEU A 56 8.73 3.85 -9.97
CA LEU A 56 8.07 2.59 -9.66
C LEU A 56 7.36 2.07 -10.88
N GLU A 57 6.88 0.85 -10.83
CA GLU A 57 6.29 0.18 -11.97
C GLU A 57 4.77 0.17 -11.87
N GLN A 58 4.13 0.52 -12.95
CA GLN A 58 2.69 0.36 -13.05
C GLN A 58 2.33 -1.06 -13.41
N PRO A 59 1.10 -1.49 -13.13
CA PRO A 59 0.11 -0.78 -12.32
C PRO A 59 0.56 -0.55 -10.90
N TYR A 60 0.17 0.59 -10.34
CA TYR A 60 0.44 0.91 -8.96
C TYR A 60 -0.68 0.38 -8.06
N VAL A 61 -0.31 0.05 -6.81
CA VAL A 61 -1.27 -0.21 -5.74
C VAL A 61 -1.10 0.83 -4.67
N PHE A 62 -2.15 1.62 -4.43
CA PHE A 62 -2.16 2.61 -3.37
C PHE A 62 -2.92 2.08 -2.17
N ILE A 63 -2.53 2.53 -0.99
CA ILE A 63 -3.43 2.49 0.17
C ILE A 63 -3.96 3.88 0.36
N LYS A 64 -5.27 3.97 0.46
CA LYS A 64 -5.99 5.22 0.56
C LYS A 64 -6.87 5.22 1.80
N ARG A 65 -7.06 6.39 2.35
CA ARG A 65 -7.83 6.51 3.58
C ARG A 65 -9.29 6.24 3.31
N SER A 66 -9.90 5.37 4.12
CA SER A 66 -11.28 4.97 3.88
CA SER A 66 -11.28 4.90 3.94
C SER A 66 -12.28 5.66 4.77
N ASP A 67 -11.85 6.36 5.81
CA ASP A 67 -12.78 6.98 6.73
C ASP A 67 -12.03 8.10 7.40
N ALA A 68 -12.73 9.22 7.62
CA ALA A 68 -12.22 10.33 8.44
C ALA A 68 -12.79 10.28 9.85
N ARG A 69 -14.04 9.85 9.98
CA ARG A 69 -14.75 9.89 11.25
C ARG A 69 -13.87 9.41 12.40
N THR A 70 -12.88 8.57 12.10
CA THR A 70 -12.03 8.05 13.17
C THR A 70 -10.92 7.13 12.66
N ALA A 71 -9.82 7.04 13.43
CA ALA A 71 -8.70 6.13 13.16
C ALA A 71 -8.46 5.26 14.39
N PRO A 72 -8.98 4.04 14.43
CA PRO A 72 -8.94 3.26 15.67
C PRO A 72 -7.53 2.85 16.08
N HIS A 73 -7.21 3.08 17.36
CA HIS A 73 -6.02 2.52 18.00
C HIS A 73 -4.72 3.04 17.40
N GLY A 74 -4.75 4.15 16.68
CA GLY A 74 -3.58 4.67 16.00
C GLY A 74 -3.37 4.14 14.59
N HIS A 75 -4.27 3.26 14.12
CA HIS A 75 -4.16 2.63 12.82
C HIS A 75 -5.18 3.28 11.90
N VAL A 76 -4.71 4.01 10.90
CA VAL A 76 -5.62 4.68 9.98
C VAL A 76 -6.33 3.63 9.15
N MET A 77 -7.64 3.77 8.96
CA MET A 77 -8.39 2.79 8.18
CA MET A 77 -8.37 2.80 8.17
C MET A 77 -8.14 3.06 6.70
N VAL A 78 -7.72 2.03 5.98
CA VAL A 78 -7.30 2.19 4.59
C VAL A 78 -7.87 1.07 3.73
N GLU A 79 -7.92 1.35 2.43
CA GLU A 79 -8.27 0.33 1.46
C GLU A 79 -7.35 0.43 0.25
N LEU A 80 -7.37 -0.62 -0.54
CA LEU A 80 -6.49 -0.71 -1.70
C LEU A 80 -7.17 -0.16 -2.94
N VAL A 81 -6.42 0.60 -3.76
CA VAL A 81 -6.88 1.10 -5.05
C VAL A 81 -5.72 1.00 -6.01
N ALA A 82 -5.96 0.42 -7.17
CA ALA A 82 -4.93 0.27 -8.20
C ALA A 82 -5.08 1.34 -9.26
N GLU A 83 -3.98 1.63 -9.93
CA GLU A 83 -3.94 2.61 -11.00
C GLU A 83 -3.13 2.08 -12.17
N LEU A 84 -3.67 2.24 -13.38
CA LEU A 84 -2.94 1.91 -14.58
C LEU A 84 -3.30 2.91 -15.65
N GLU A 85 -2.28 3.54 -16.24
CA GLU A 85 -2.50 4.45 -17.36
C GLU A 85 -3.52 5.53 -17.00
N GLY A 86 -3.45 6.03 -15.77
CA GLY A 86 -4.21 7.16 -15.33
C GLY A 86 -5.63 6.84 -14.92
N ILE A 87 -5.99 5.56 -14.91
CA ILE A 87 -7.32 5.10 -14.53
C ILE A 87 -7.19 4.34 -13.22
N GLN A 88 -8.09 4.62 -12.28
CA GLN A 88 -8.08 4.01 -10.97
C GLN A 88 -9.23 3.01 -10.86
N TYR A 89 -8.93 1.99 -10.09
CA TYR A 89 -9.79 0.83 -9.85
C TYR A 89 -9.96 0.77 -8.34
N GLY A 90 -11.11 1.25 -7.90
CA GLY A 90 -11.46 1.62 -6.55
C GLY A 90 -11.63 3.13 -6.42
N ARG A 91 -12.47 3.55 -5.51
CA ARG A 91 -12.64 4.98 -5.24
C ARG A 91 -12.49 5.14 -3.73
N SER A 92 -11.58 5.99 -3.31
CA SER A 92 -11.30 6.11 -1.88
C SER A 92 -10.77 7.51 -1.60
N GLY A 93 -10.22 7.67 -0.41
CA GLY A 93 -9.75 8.96 0.03
C GLY A 93 -8.29 9.19 -0.29
N GLU A 94 -7.64 9.97 0.57
CA GLU A 94 -6.27 10.40 0.32
C GLU A 94 -5.27 9.25 0.37
N THR A 95 -4.28 9.30 -0.49
CA THR A 95 -3.23 8.28 -0.53
C THR A 95 -2.30 8.39 0.65
N LEU A 96 -2.06 7.28 1.33
CA LEU A 96 -1.00 7.18 2.34
C LEU A 96 0.31 6.77 1.71
N GLY A 97 0.27 6.03 0.63
CA GLY A 97 1.49 5.67 -0.07
C GLY A 97 1.17 4.64 -1.13
N VAL A 98 2.24 4.18 -1.75
N VAL A 98 2.23 4.24 -1.83
CA VAL A 98 2.19 3.16 -2.79
CA VAL A 98 2.19 3.13 -2.76
C VAL A 98 2.83 1.91 -2.21
C VAL A 98 2.70 1.92 -2.03
N LEU A 99 2.15 0.78 -2.34
CA LEU A 99 2.63 -0.49 -1.79
C LEU A 99 3.59 -1.13 -2.77
N VAL A 100 4.63 -1.77 -2.21
CA VAL A 100 5.59 -2.53 -3.00
C VAL A 100 5.95 -3.78 -2.23
N PRO A 101 6.45 -4.79 -2.91
CA PRO A 101 7.04 -5.91 -2.17
C PRO A 101 8.14 -5.42 -1.25
N HIS A 102 8.22 -6.06 -0.09
CA HIS A 102 9.34 -5.87 0.82
C HIS A 102 10.20 -7.13 0.79
N VAL A 103 11.46 -6.96 0.48
CA VAL A 103 12.38 -8.07 0.41
C VAL A 103 13.59 -7.83 1.30
N GLY A 104 13.41 -7.14 2.41
CA GLY A 104 14.47 -6.97 3.36
C GLY A 104 15.09 -5.60 3.40
N GLU A 105 14.61 -4.66 2.60
CA GLU A 105 15.10 -3.30 2.67
C GLU A 105 14.89 -2.71 4.05
N ILE A 106 15.80 -1.82 4.44
CA ILE A 106 15.70 -1.18 5.75
C ILE A 106 14.74 -0.01 5.66
N PRO A 107 13.69 0.02 6.47
CA PRO A 107 12.71 1.11 6.41
C PRO A 107 13.20 2.33 7.16
N VAL A 108 12.51 3.43 6.89
CA VAL A 108 12.73 4.68 7.60
C VAL A 108 11.70 4.95 8.68
N ALA A 109 10.64 4.16 8.74
CA ALA A 109 9.55 4.31 9.69
C ALA A 109 8.66 3.10 9.47
N TYR A 110 7.70 2.94 10.36
CA TYR A 110 6.62 1.98 10.23
C TYR A 110 5.31 2.76 10.27
N ARG A 111 4.39 2.40 9.37
CA ARG A 111 3.08 3.05 9.26
C ARG A 111 2.03 2.06 9.73
N LYS A 112 1.30 2.43 10.78
CA LYS A 112 0.22 1.59 11.28
C LYS A 112 -1.06 1.86 10.52
N VAL A 113 -1.66 0.80 10.00
CA VAL A 113 -2.89 0.93 9.27
C VAL A 113 -3.87 -0.13 9.73
N LEU A 114 -5.13 0.16 9.52
CA LEU A 114 -6.20 -0.82 9.70
C LEU A 114 -6.74 -1.08 8.32
N LEU A 115 -6.31 -2.18 7.73
CA LEU A 115 -6.57 -2.46 6.34
C LEU A 115 -7.89 -3.16 6.14
N ARG A 116 -8.69 -2.63 5.24
CA ARG A 116 -9.85 -3.34 4.73
C ARG A 116 -9.42 -4.50 3.82
N LYS A 117 -9.76 -5.72 4.22
CA LYS A 117 -9.47 -6.91 3.42
C LYS A 117 -10.63 -7.13 2.44
N ASN A 118 -10.72 -6.23 1.46
CA ASN A 118 -11.79 -6.29 0.47
C ASN A 118 -11.66 -7.50 -0.45
O13 QO6 B . -6.04 -10.72 8.92
C11 QO6 B . -5.04 -11.36 9.07
C12 QO6 B . -4.82 -12.08 10.41
N10 QO6 B . -4.06 -11.45 8.02
C7 QO6 B . -4.24 -10.77 6.76
C3 QO6 B . -5.04 -11.30 5.76
C9 QO6 B . -3.55 -9.56 6.55
C5 QO6 B . -3.68 -8.88 5.34
C2 QO6 B . -4.49 -9.40 4.32
C6 QO6 B . -4.81 -8.86 2.91
C8 QO6 B . -6.00 -9.68 2.44
C4 QO6 B . -5.98 -10.95 3.26
C1 QO6 B . -5.17 -10.60 4.53
H2 QO6 B . -5.65 -11.86 11.09
H3 QO6 B . -3.89 -11.73 10.85
H1 QO6 B . -4.77 -13.15 10.23
H4 QO6 B . -3.22 -11.99 8.18
H5 QO6 B . -5.56 -12.23 5.91
H7 QO6 B . -2.92 -9.16 7.32
H8 QO6 B . -3.15 -7.95 5.19
H10 QO6 B . -3.96 -9.03 2.26
H102 QO6 B . -5.09 -7.81 2.98
H11 QO6 B . -6.92 -9.12 2.62
H092 QO6 B . -5.86 -9.92 1.38
H12 QO6 B . -7.00 -11.22 3.54
H13 QO6 B . -5.50 -11.74 2.72
#